data_1VTR
# 
_entry.id   1VTR 
# 
_audit_conform.dict_name       mmcif_pdbx.dic 
_audit_conform.dict_version    5.383 
_audit_conform.dict_location   http://mmcif.pdb.org/dictionaries/ascii/mmcif_pdbx.dic 
# 
loop_
_database_2.database_id 
_database_2.database_code 
_database_2.pdbx_database_accession 
_database_2.pdbx_DOI 
PDB   1VTR         pdb_00001vtr 10.2210/pdb1vtr/pdb 
NDB   UDD006       ?            ?                   
RCSB  RCSB003048   ?            ?                   
WWPDB D_1000003048 ?            ?                   
# 
loop_
_pdbx_audit_revision_history.ordinal 
_pdbx_audit_revision_history.data_content_type 
_pdbx_audit_revision_history.major_revision 
_pdbx_audit_revision_history.minor_revision 
_pdbx_audit_revision_history.revision_date 
1 'Structure model' 1 0 2011-07-13 
2 'Structure model' 1 1 2023-12-27 
# 
_pdbx_audit_revision_details.ordinal             1 
_pdbx_audit_revision_details.revision_ordinal    1 
_pdbx_audit_revision_details.data_content_type   'Structure model' 
_pdbx_audit_revision_details.provider            repository 
_pdbx_audit_revision_details.type                'Initial release' 
_pdbx_audit_revision_details.description         ? 
_pdbx_audit_revision_details.details             ? 
# 
loop_
_pdbx_audit_revision_group.ordinal 
_pdbx_audit_revision_group.revision_ordinal 
_pdbx_audit_revision_group.data_content_type 
_pdbx_audit_revision_group.group 
1 2 'Structure model' 'Data collection'     
2 2 'Structure model' 'Database references' 
# 
loop_
_pdbx_audit_revision_category.ordinal 
_pdbx_audit_revision_category.revision_ordinal 
_pdbx_audit_revision_category.data_content_type 
_pdbx_audit_revision_category.category 
1 2 'Structure model' chem_comp_atom 
2 2 'Structure model' chem_comp_bond 
3 2 'Structure model' database_2     
# 
loop_
_pdbx_audit_revision_item.ordinal 
_pdbx_audit_revision_item.revision_ordinal 
_pdbx_audit_revision_item.data_content_type 
_pdbx_audit_revision_item.item 
1 2 'Structure model' '_database_2.pdbx_DOI'                
2 2 'Structure model' '_database_2.pdbx_database_accession' 
# 
_pdbx_database_status.status_code                     REL 
_pdbx_database_status.entry_id                        1VTR 
_pdbx_database_status.recvd_initial_deposition_date   1988-08-18 
_pdbx_database_status.deposit_site                    RCSB 
_pdbx_database_status.process_site                    RCSB 
_pdbx_database_status.SG_entry                        . 
_pdbx_database_status.status_code_sf                  ? 
_pdbx_database_status.status_code_mr                  ? 
_pdbx_database_status.status_code_cs                  ? 
_pdbx_database_status.pdb_format_compatible           Y 
_pdbx_database_status.status_code_nmr_data            ? 
_pdbx_database_status.methods_development_category    ? 
# 
loop_
_audit_author.name 
_audit_author.pdbx_ordinal 
'Viswamitra, M.A.' 1 
'Shakked, Z.'      2 
'Jones, P.G.'      3 
'Sheldrick, G.M.'  4 
'Salisbury, S.A.'  5 
'Kennard, O.'      6 
# 
loop_
_citation.id 
_citation.title 
_citation.journal_abbrev 
_citation.journal_volume 
_citation.page_first 
_citation.page_last 
_citation.year 
_citation.journal_id_ASTM 
_citation.country 
_citation.journal_id_ISSN 
_citation.journal_id_CSD 
_citation.book_publisher 
_citation.pdbx_database_id_PubMed 
_citation.pdbx_database_id_DOI 
primary 'Structure of the Deoxytetranucleotide d-pApTpApT and a Sequence-Dependent Model for Poly(dA-dT)' Biopolymers 21  513 533 
1982 BIPMAA US 0006-3525 0161 ? 7066470 ? 
1       'DNA Double Helical Fragment at Atomic Resolution' Nature      273 687 688 1978 NATUAS UK 0028-0836 0006 ? ?       ? 
2       'Crystal Structure of d(A-T)2 and Sequence Specific DNA-Protein Recognition.' Curr.Sci.   47  289 292 1978 CUSCAM II 
0011-3891 0064 ? ?       ? 
3       
'A Hypothesis on a Specific Sequence-Dependent Conformation of DNA and Its Relation to the Binding of the Lac-Repressor Protein.' 
J.Mol.Biol. 131 669 680 1979 JMOBAK UK 0022-2836 0070 ? ?       ? 
# 
loop_
_citation_author.citation_id 
_citation_author.name 
_citation_author.ordinal 
_citation_author.identifier_ORCID 
primary 'Viswamitra, M.A.' 1  ? 
primary 'Shakked, Z.'      2  ? 
primary 'Jones, P.G.'      3  ? 
primary 'Sheldrick, G.M.'  4  ? 
primary 'Salisbury, S.A.'  5  ? 
primary 'Kennard, O.'      6  ? 
1       'Viswamitra, M.A.' 7  ? 
1       'Kennard, O.'      8  ? 
1       'Jones, P.G.'      9  ? 
1       'Salisbury, S.A.'  10 ? 
1       'Sheldrick, G.M.'  11 ? 
1       'Falvello, L.'     12 ? 
1       'Shakked, Z.'      13 ? 
2       'Viswamitra, M.A.' 14 ? 
2       'Kennard, O.'      15 ? 
2       'Shakked, Z.'      16 ? 
2       'Jones, P.G.'      17 ? 
2       'Sheldrick, G.M.'  18 ? 
2       'Salisbury, S.'    19 ? 
2       'Falvello, L.'     20 ? 
3       'Klug, A.'         21 ? 
3       'Jack, A.'         22 ? 
3       'Viswamitra, M.A.' 23 ? 
3       'Kennard, O.'      24 ? 
3       'Shakked, Z.'      25 ? 
3       'Steitz, T.A.'     26 ? 
# 
loop_
_entity.id 
_entity.type 
_entity.src_method 
_entity.pdbx_description 
_entity.formula_weight 
_entity.pdbx_number_of_molecules 
_entity.pdbx_ec 
_entity.pdbx_mutation 
_entity.pdbx_fragment 
_entity.details 
1 polymer syn 
;DNA (5'-D(*AP*TP*AP*T)-3')
;
1189.842 1  ? ? ? ? 
2 water   nat water                        18.015   42 ? ? ? ? 
# 
_entity_poly.entity_id                      1 
_entity_poly.type                           polydeoxyribonucleotide 
_entity_poly.nstd_linkage                   no 
_entity_poly.nstd_monomer                   no 
_entity_poly.pdbx_seq_one_letter_code       '(DA)(DT)(DA)(DT)' 
_entity_poly.pdbx_seq_one_letter_code_can   ATAT 
_entity_poly.pdbx_strand_id                 A 
_entity_poly.pdbx_target_identifier         ? 
# 
_pdbx_entity_nonpoly.entity_id   2 
_pdbx_entity_nonpoly.name        water 
_pdbx_entity_nonpoly.comp_id     HOH 
# 
loop_
_entity_poly_seq.entity_id 
_entity_poly_seq.num 
_entity_poly_seq.mon_id 
_entity_poly_seq.hetero 
1 1 DA n 
1 2 DT n 
1 3 DA n 
1 4 DT n 
# 
loop_
_chem_comp.id 
_chem_comp.type 
_chem_comp.mon_nstd_flag 
_chem_comp.name 
_chem_comp.pdbx_synonyms 
_chem_comp.formula 
_chem_comp.formula_weight 
DA  'DNA linking' y "2'-DEOXYADENOSINE-5'-MONOPHOSPHATE" ? 'C10 H14 N5 O6 P' 331.222 
DT  'DNA linking' y "THYMIDINE-5'-MONOPHOSPHATE"         ? 'C10 H15 N2 O8 P' 322.208 
HOH non-polymer   . WATER                                ? 'H2 O'            18.015  
# 
loop_
_pdbx_poly_seq_scheme.asym_id 
_pdbx_poly_seq_scheme.entity_id 
_pdbx_poly_seq_scheme.seq_id 
_pdbx_poly_seq_scheme.mon_id 
_pdbx_poly_seq_scheme.ndb_seq_num 
_pdbx_poly_seq_scheme.pdb_seq_num 
_pdbx_poly_seq_scheme.auth_seq_num 
_pdbx_poly_seq_scheme.pdb_mon_id 
_pdbx_poly_seq_scheme.auth_mon_id 
_pdbx_poly_seq_scheme.pdb_strand_id 
_pdbx_poly_seq_scheme.pdb_ins_code 
_pdbx_poly_seq_scheme.hetero 
A 1 1 DA 1 1 1 DA A A . n 
A 1 2 DT 2 2 2 DT T A . n 
A 1 3 DA 3 3 3 DA A A . n 
A 1 4 DT 4 4 4 DT T A . n 
# 
loop_
_pdbx_nonpoly_scheme.asym_id 
_pdbx_nonpoly_scheme.entity_id 
_pdbx_nonpoly_scheme.mon_id 
_pdbx_nonpoly_scheme.ndb_seq_num 
_pdbx_nonpoly_scheme.pdb_seq_num 
_pdbx_nonpoly_scheme.auth_seq_num 
_pdbx_nonpoly_scheme.pdb_mon_id 
_pdbx_nonpoly_scheme.auth_mon_id 
_pdbx_nonpoly_scheme.pdb_strand_id 
_pdbx_nonpoly_scheme.pdb_ins_code 
B 2 HOH 1  5  5  HOH HOH A . 
B 2 HOH 2  6  6  HOH HOH A . 
B 2 HOH 3  7  7  HOH HOH A . 
B 2 HOH 4  8  8  HOH HOH A . 
B 2 HOH 5  9  9  HOH HOH A . 
B 2 HOH 6  10 10 HOH HOH A . 
B 2 HOH 7  11 11 HOH HOH A . 
B 2 HOH 8  12 12 HOH HOH A . 
B 2 HOH 9  13 13 HOH HOH A . 
B 2 HOH 10 14 14 HOH HOH A . 
B 2 HOH 11 15 15 HOH HOH A . 
B 2 HOH 12 16 16 HOH HOH A . 
B 2 HOH 13 17 17 HOH HOH A . 
B 2 HOH 14 18 18 HOH HOH A . 
B 2 HOH 15 19 19 HOH HOH A . 
B 2 HOH 16 20 20 HOH HOH A . 
B 2 HOH 17 21 21 HOH HOH A . 
B 2 HOH 18 22 22 HOH HOH A . 
B 2 HOH 19 23 23 HOH HOH A . 
B 2 HOH 20 24 24 HOH HOH A . 
B 2 HOH 21 25 25 HOH HOH A . 
B 2 HOH 22 26 26 HOH HOH A . 
B 2 HOH 23 27 27 HOH HOH A . 
B 2 HOH 24 28 28 HOH HOH A . 
B 2 HOH 25 29 29 HOH HOH A . 
B 2 HOH 26 30 30 HOH HOH A . 
B 2 HOH 27 31 31 HOH HOH A . 
B 2 HOH 28 32 32 HOH HOH A . 
B 2 HOH 29 33 33 HOH HOH A . 
B 2 HOH 30 34 34 HOH HOH A . 
B 2 HOH 31 35 35 HOH HOH A . 
B 2 HOH 32 36 36 HOH HOH A . 
B 2 HOH 33 37 37 HOH HOH A . 
B 2 HOH 34 38 38 HOH HOH A . 
B 2 HOH 35 39 39 HOH HOH A . 
B 2 HOH 36 40 40 HOH HOH A . 
B 2 HOH 37 41 41 HOH HOH A . 
B 2 HOH 38 42 42 HOH HOH A . 
B 2 HOH 39 43 43 HOH HOH A . 
B 2 HOH 40 44 44 HOH HOH A . 
B 2 HOH 41 45 45 HOH HOH A . 
B 2 HOH 42 46 46 HOH HOH A . 
# 
_cell.entry_id           1VTR 
_cell.length_a           21.121 
_cell.length_b           21.294 
_cell.length_c           8.770 
_cell.angle_alpha        90.00 
_cell.angle_beta         97.84 
_cell.angle_gamma        90.00 
_cell.Z_PDB              2 
_cell.pdbx_unique_axis   ? 
_cell.length_a_esd       ? 
_cell.length_b_esd       ? 
_cell.length_c_esd       ? 
_cell.angle_alpha_esd    ? 
_cell.angle_beta_esd     ? 
_cell.angle_gamma_esd    ? 
# 
_symmetry.entry_id                         1VTR 
_symmetry.space_group_name_H-M             'P 1 21 1' 
_symmetry.pdbx_full_space_group_name_H-M   ? 
_symmetry.cell_setting                     ? 
_symmetry.Int_Tables_number                4 
_symmetry.space_group_name_Hall            ? 
# 
_exptl.entry_id          1VTR 
_exptl.method            'X-RAY DIFFRACTION' 
_exptl.crystals_number   ? 
# 
_exptl_crystal.id                    1 
_exptl_crystal.density_meas          1.5250 
_exptl_crystal.density_Matthews      1.64 
_exptl_crystal.density_percent_sol   25.09 
_exptl_crystal.description           ? 
_exptl_crystal.F_000                 ? 
_exptl_crystal.preparation           ? 
# 
_exptl_crystal_grow.crystal_id      1 
_exptl_crystal_grow.method          'VAPOR DIFFUSION' 
_exptl_crystal_grow.temp            ? 
_exptl_crystal_grow.temp_details    'ROOM TEMPERATURE' 
_exptl_crystal_grow.pH              ? 
_exptl_crystal_grow.pdbx_details    'VAPOR DIFFUSION' 
_exptl_crystal_grow.pdbx_pH_range   ? 
# 
loop_
_exptl_crystal_grow_comp.crystal_id 
_exptl_crystal_grow_comp.id 
_exptl_crystal_grow_comp.sol_id 
_exptl_crystal_grow_comp.name 
_exptl_crystal_grow_comp.volume 
_exptl_crystal_grow_comp.conc 
_exptl_crystal_grow_comp.details 
1 1 1 WATER   1 2 3 
1 2 1 NH4+    4 5 6 
1 3 2 ACETONE 7 8 9 
# 
_diffrn.id                     1 
_diffrn.ambient_temp           ? 
_diffrn.ambient_temp_details   'ROOM TEMPERATURE' 
_diffrn.crystal_id             1 
# 
_diffrn_detector.diffrn_id              1 
_diffrn_detector.detector               DIFFRACTOMETER 
_diffrn_detector.type                   'SYNTEX P21' 
_diffrn_detector.pdbx_collection_date   ? 
_diffrn_detector.details                ? 
# 
_diffrn_radiation.diffrn_id                        1 
_diffrn_radiation.wavelength_id                    1 
_diffrn_radiation.pdbx_monochromatic_or_laue_m_l   M 
_diffrn_radiation.monochromator                    ? 
_diffrn_radiation.pdbx_diffrn_protocol             'SINGLE WAVELENGTH' 
_diffrn_radiation.pdbx_scattering_type             x-ray 
# 
_diffrn_radiation_wavelength.id           1 
_diffrn_radiation_wavelength.wavelength   . 
_diffrn_radiation_wavelength.wt           1.0 
# 
_diffrn_source.diffrn_id                   1 
_diffrn_source.source                      'SEALED TUBE' 
_diffrn_source.type                        ? 
_diffrn_source.pdbx_synchrotron_site       ? 
_diffrn_source.pdbx_synchrotron_beamline   ? 
_diffrn_source.pdbx_wavelength             ? 
_diffrn_source.pdbx_wavelength_list        ? 
# 
_reflns.entry_id                     1VTR 
_reflns.observed_criterion_sigma_I   ? 
_reflns.observed_criterion_sigma_F   1.500 
_reflns.d_resolution_low             ? 
_reflns.d_resolution_high            ? 
_reflns.number_obs                   2717 
_reflns.number_all                   4528 
_reflns.percent_possible_obs         ? 
_reflns.pdbx_Rmerge_I_obs            ? 
_reflns.pdbx_Rsym_value              ? 
_reflns.pdbx_netI_over_sigmaI        ? 
_reflns.B_iso_Wilson_estimate        ? 
_reflns.pdbx_redundancy              ? 
_reflns.R_free_details               ? 
_reflns.pdbx_ordinal                 1 
_reflns.pdbx_diffrn_id               1 
_reflns.pdbx_chi_squared             ? 
_reflns.pdbx_scaling_rejects         ? 
# 
_refine.entry_id                                 1VTR 
_refine.ls_number_reflns_obs                     2717 
_refine.ls_number_reflns_all                     ? 
_refine.pdbx_ls_sigma_I                          ? 
_refine.pdbx_ls_sigma_F                          1.500 
_refine.pdbx_data_cutoff_high_absF               ? 
_refine.pdbx_data_cutoff_low_absF                ? 
_refine.pdbx_data_cutoff_high_rms_absF           ? 
_refine.ls_d_res_low                             ? 
_refine.ls_d_res_high                            1.040 
_refine.ls_percent_reflns_obs                    ? 
_refine.ls_R_factor_obs                          0.1530000 
_refine.ls_R_factor_all                          ? 
_refine.ls_R_factor_R_work                       ? 
_refine.ls_R_factor_R_free                       ? 
_refine.ls_R_factor_R_free_error                 ? 
_refine.ls_R_factor_R_free_error_details         ? 
_refine.ls_percent_reflns_R_free                 ? 
_refine.ls_number_reflns_R_free                  ? 
_refine.ls_number_parameters                     ? 
_refine.ls_number_restraints                     ? 
_refine.occupancy_min                            0.23 
_refine.occupancy_max                            1.05 
_refine.B_iso_mean                               ? 
_refine.aniso_B[1][1]                            ? 
_refine.aniso_B[2][2]                            ? 
_refine.aniso_B[3][3]                            ? 
_refine.aniso_B[1][2]                            ? 
_refine.aniso_B[1][3]                            ? 
_refine.aniso_B[2][3]                            ? 
_refine.solvent_model_details                    ? 
_refine.solvent_model_param_ksol                 ? 
_refine.solvent_model_param_bsol                 ? 
_refine.pdbx_ls_cross_valid_method               ? 
_refine.details                                  ? 
_refine.pdbx_starting_model                      ? 
_refine.pdbx_method_to_determine_struct          ? 
_refine.pdbx_isotropic_thermal_model             ? 
_refine.pdbx_stereochemistry_target_values       ? 
_refine.pdbx_stereochem_target_val_spec_case     ? 
_refine.pdbx_R_Free_selection_details            ? 
_refine.pdbx_overall_ESU_R_Free                  ? 
_refine.overall_SU_ML                            ? 
_refine.overall_SU_B                             ? 
_refine.ls_redundancy_reflns_obs                 ? 
_refine.correlation_coeff_Fo_to_Fc               ? 
_refine.correlation_coeff_Fo_to_Fc_free          ? 
_refine.overall_SU_R_Cruickshank_DPI             ? 
_refine.overall_SU_R_free                        ? 
_refine.pdbx_diffrn_id                           1 
_refine.pdbx_refine_id                           'X-RAY DIFFRACTION' 
_refine.pdbx_overall_phase_error                 ? 
_refine.pdbx_solvent_vdw_probe_radii             ? 
_refine.pdbx_solvent_ion_probe_radii             ? 
_refine.pdbx_solvent_shrinkage_radii             ? 
_refine.ls_wR_factor_R_free                      ? 
_refine.ls_wR_factor_R_work                      ? 
_refine.overall_FOM_free_R_set                   ? 
_refine.overall_FOM_work_R_set                   ? 
_refine.pdbx_overall_ESU_R                       ? 
_refine.pdbx_TLS_residual_ADP_flag               ? 
_refine.pdbx_overall_SU_R_free_Cruickshank_DPI   ? 
_refine.pdbx_overall_SU_R_Blow_DPI               ? 
_refine.pdbx_overall_SU_R_free_Blow_DPI          ? 
# 
_refine_hist.pdbx_refine_id                   'X-RAY DIFFRACTION' 
_refine_hist.cycle_id                         LAST 
_refine_hist.pdbx_number_atoms_protein        0 
_refine_hist.pdbx_number_atoms_nucleic_acid   83 
_refine_hist.pdbx_number_atoms_ligand         0 
_refine_hist.number_atoms_solvent             42 
_refine_hist.number_atoms_total               125 
_refine_hist.d_res_high                       1.040 
_refine_hist.d_res_low                        . 
# 
_struct.entry_id                  1VTR 
_struct.title                     'STRUCTURE OF THE DEOXYTETRANUCLEOTIDE D-PAPTPAPT AND A SEQUENCE-DEPENDENT MODEL FOR POLY(DA-DT)' 
_struct.pdbx_model_details        ? 
_struct.pdbx_CASP_flag            ? 
_struct.pdbx_model_type_details   ? 
# 
_struct_keywords.entry_id        1VTR 
_struct_keywords.pdbx_keywords   DNA 
_struct_keywords.text            'U-DNA, HELIX, OPEN, DNA' 
# 
loop_
_struct_asym.id 
_struct_asym.pdbx_blank_PDB_chainid_flag 
_struct_asym.pdbx_modified 
_struct_asym.entity_id 
_struct_asym.details 
A N N 1 ? 
B N N 2 ? 
# 
_struct_ref.id                         1 
_struct_ref.db_name                    PDB 
_struct_ref.db_code                    1VTR 
_struct_ref.pdbx_db_accession          1VTR 
_struct_ref.entity_id                  1 
_struct_ref.pdbx_align_begin           ? 
_struct_ref.pdbx_seq_one_letter_code   ? 
_struct_ref.pdbx_db_isoform            ? 
# 
_struct_ref_seq.align_id                      1 
_struct_ref_seq.ref_id                        1 
_struct_ref_seq.pdbx_PDB_id_code              1VTR 
_struct_ref_seq.pdbx_strand_id                A 
_struct_ref_seq.seq_align_beg                 1 
_struct_ref_seq.pdbx_seq_align_beg_ins_code   ? 
_struct_ref_seq.seq_align_end                 4 
_struct_ref_seq.pdbx_seq_align_end_ins_code   ? 
_struct_ref_seq.pdbx_db_accession             1VTR 
_struct_ref_seq.db_align_beg                  1 
_struct_ref_seq.pdbx_db_align_beg_ins_code    ? 
_struct_ref_seq.db_align_end                  4 
_struct_ref_seq.pdbx_db_align_end_ins_code    ? 
_struct_ref_seq.pdbx_auth_seq_align_beg       1 
_struct_ref_seq.pdbx_auth_seq_align_end       4 
# 
_pdbx_struct_assembly.id                   1 
_pdbx_struct_assembly.details              author_defined_assembly 
_pdbx_struct_assembly.method_details       ? 
_pdbx_struct_assembly.oligomeric_details   trimeric 
_pdbx_struct_assembly.oligomeric_count     3 
# 
_pdbx_struct_assembly_gen.assembly_id       1 
_pdbx_struct_assembly_gen.oper_expression   1,2,3 
_pdbx_struct_assembly_gen.asym_id_list      A,B 
# 
loop_
_pdbx_struct_oper_list.id 
_pdbx_struct_oper_list.type 
_pdbx_struct_oper_list.name 
_pdbx_struct_oper_list.symmetry_operation 
_pdbx_struct_oper_list.matrix[1][1] 
_pdbx_struct_oper_list.matrix[1][2] 
_pdbx_struct_oper_list.matrix[1][3] 
_pdbx_struct_oper_list.vector[1] 
_pdbx_struct_oper_list.matrix[2][1] 
_pdbx_struct_oper_list.matrix[2][2] 
_pdbx_struct_oper_list.matrix[2][3] 
_pdbx_struct_oper_list.vector[2] 
_pdbx_struct_oper_list.matrix[3][1] 
_pdbx_struct_oper_list.matrix[3][2] 
_pdbx_struct_oper_list.matrix[3][3] 
_pdbx_struct_oper_list.vector[3] 
1 'identity operation'         1_555 x,y,z         1.0000000000  0.0000000000  0.0000000000  0.0000000000  0.0000000000  1.0000000000  0.0000000000 0.0000000000  0.0000000000  0.0000000000 1.0000000000 0.0000000000   
2 'crystal symmetry operation' 2_655 -x+1,y+1/2,-z -0.3330234052 -0.3262762134 -0.8846690026 -5.6672898841 -0.3262762134 -0.8403899503 0.4327684878 13.7321403148 -0.8846690026 0.4327684878 0.1734133555 4.5627613835   
3 'crystal symmetry operation' 2_645 -x+1,y-1/2,-z -0.3330234052 -0.3262762134 -0.8846690026 6.6296641304  -0.3262762134 -0.8403899503 0.4327684878 7.7166314889  -0.8846690026 0.4327684878 0.1734133555 -11.7477570489 
# 
_struct_biol.id                    1 
_struct_biol.pdbx_parent_biol_id   ? 
_struct_biol.details               ? 
# 
loop_
_struct_conn.id 
_struct_conn.conn_type_id 
_struct_conn.pdbx_leaving_atom_flag 
_struct_conn.pdbx_PDB_id 
_struct_conn.ptnr1_label_asym_id 
_struct_conn.ptnr1_label_comp_id 
_struct_conn.ptnr1_label_seq_id 
_struct_conn.ptnr1_label_atom_id 
_struct_conn.pdbx_ptnr1_label_alt_id 
_struct_conn.pdbx_ptnr1_PDB_ins_code 
_struct_conn.pdbx_ptnr1_standard_comp_id 
_struct_conn.ptnr1_symmetry 
_struct_conn.ptnr2_label_asym_id 
_struct_conn.ptnr2_label_comp_id 
_struct_conn.ptnr2_label_seq_id 
_struct_conn.ptnr2_label_atom_id 
_struct_conn.pdbx_ptnr2_label_alt_id 
_struct_conn.pdbx_ptnr2_PDB_ins_code 
_struct_conn.ptnr1_auth_asym_id 
_struct_conn.ptnr1_auth_comp_id 
_struct_conn.ptnr1_auth_seq_id 
_struct_conn.ptnr2_auth_asym_id 
_struct_conn.ptnr2_auth_comp_id 
_struct_conn.ptnr2_auth_seq_id 
_struct_conn.ptnr2_symmetry 
_struct_conn.pdbx_ptnr3_label_atom_id 
_struct_conn.pdbx_ptnr3_label_seq_id 
_struct_conn.pdbx_ptnr3_label_comp_id 
_struct_conn.pdbx_ptnr3_label_asym_id 
_struct_conn.pdbx_ptnr3_label_alt_id 
_struct_conn.pdbx_ptnr3_PDB_ins_code 
_struct_conn.details 
_struct_conn.pdbx_dist_value 
_struct_conn.pdbx_value_order 
_struct_conn.pdbx_role 
hydrog1 hydrog ? ? A DA 1 N1 ? ? ? 1_555 A DT 4 N3 ? ? A DA 1 A DT 4 2_645 ? ? ? ? ? ? WATSON-CRICK ? ? ? 
hydrog2 hydrog ? ? A DA 1 N6 ? ? ? 1_555 A DT 4 O4 ? ? A DA 1 A DT 4 2_645 ? ? ? ? ? ? WATSON-CRICK ? ? ? 
hydrog3 hydrog ? ? A DT 2 N3 ? ? ? 1_555 A DA 3 N1 ? ? A DT 2 A DA 3 2_645 ? ? ? ? ? ? WATSON-CRICK ? ? ? 
hydrog4 hydrog ? ? A DT 2 O4 ? ? ? 1_555 A DA 3 N6 ? ? A DT 2 A DA 3 2_645 ? ? ? ? ? ? WATSON-CRICK ? ? ? 
# 
_struct_conn_type.id          hydrog 
_struct_conn_type.criteria    ? 
_struct_conn_type.reference   ? 
# 
loop_
_pdbx_validate_rmsd_bond.id 
_pdbx_validate_rmsd_bond.PDB_model_num 
_pdbx_validate_rmsd_bond.auth_atom_id_1 
_pdbx_validate_rmsd_bond.auth_asym_id_1 
_pdbx_validate_rmsd_bond.auth_comp_id_1 
_pdbx_validate_rmsd_bond.auth_seq_id_1 
_pdbx_validate_rmsd_bond.PDB_ins_code_1 
_pdbx_validate_rmsd_bond.label_alt_id_1 
_pdbx_validate_rmsd_bond.auth_atom_id_2 
_pdbx_validate_rmsd_bond.auth_asym_id_2 
_pdbx_validate_rmsd_bond.auth_comp_id_2 
_pdbx_validate_rmsd_bond.auth_seq_id_2 
_pdbx_validate_rmsd_bond.PDB_ins_code_2 
_pdbx_validate_rmsd_bond.label_alt_id_2 
_pdbx_validate_rmsd_bond.bond_value 
_pdbx_validate_rmsd_bond.bond_target_value 
_pdbx_validate_rmsd_bond.bond_deviation 
_pdbx_validate_rmsd_bond.bond_standard_deviation 
_pdbx_validate_rmsd_bond.linker_flag 
1  1 "C4'" A DA 1 ? ? "C3'" A DA 1 ? ? 1.413 1.521 -0.108 0.010 N 
2  1 "O4'" A DA 1 ? ? "C1'" A DA 1 ? ? 1.520 1.420 0.100  0.011 N 
3  1 "O4'" A DA 1 ? ? "C4'" A DA 1 ? ? 1.514 1.449 0.065  0.009 N 
4  1 C4    A DA 1 ? ? C5    A DA 1 ? ? 1.257 1.383 -0.126 0.007 N 
5  1 C5    A DA 1 ? ? C6    A DA 1 ? ? 1.508 1.406 0.102  0.009 N 
6  1 C5    A DA 1 ? ? N7    A DA 1 ? ? 1.266 1.388 -0.122 0.006 N 
7  1 N9    A DA 1 ? ? C4    A DA 1 ? ? 1.439 1.374 0.065  0.006 N 
8  1 C6    A DA 1 ? ? N6    A DA 1 ? ? 1.242 1.335 -0.093 0.008 N 
9  1 "C5'" A DT 2 ? ? "C4'" A DT 2 ? ? 1.640 1.512 0.128  0.007 N 
10 1 "C4'" A DT 2 ? ? "C3'" A DT 2 ? ? 1.370 1.521 -0.151 0.010 N 
11 1 "C2'" A DT 2 ? ? "C1'" A DT 2 ? ? 1.374 1.518 -0.144 0.010 N 
12 1 "O4'" A DT 2 ? ? "C1'" A DT 2 ? ? 1.511 1.420 0.091  0.011 N 
13 1 N3    A DT 2 ? ? C4    A DT 2 ? ? 1.466 1.382 0.084  0.008 N 
14 1 C4    A DT 2 ? ? C5    A DT 2 ? ? 1.318 1.445 -0.127 0.009 N 
15 1 C5    A DT 2 ? ? C6    A DT 2 ? ? 1.291 1.339 -0.048 0.007 N 
16 1 P     A DA 3 ? ? OP2   A DA 3 ? ? 1.336 1.485 -0.149 0.017 N 
17 1 P     A DA 3 ? ? "O5'" A DA 3 ? ? 1.528 1.593 -0.065 0.010 N 
18 1 "O4'" A DA 3 ? ? "C4'" A DA 3 ? ? 1.328 1.446 -0.118 0.010 N 
19 1 C2    A DA 3 ? ? N3    A DA 3 ? ? 1.427 1.331 0.096  0.009 N 
20 1 C5    A DA 3 ? ? C6    A DA 3 ? ? 1.617 1.406 0.211  0.009 N 
21 1 N7    A DA 3 ? ? C8    A DA 3 ? ? 1.241 1.311 -0.070 0.007 N 
22 1 C8    A DA 3 ? ? N9    A DA 3 ? ? 1.274 1.373 -0.099 0.008 N 
23 1 N9    A DA 3 ? ? C4    A DA 3 ? ? 1.279 1.374 -0.095 0.006 N 
24 1 C6    A DA 3 ? ? N6    A DA 3 ? ? 1.409 1.335 0.074  0.008 N 
25 1 "C5'" A DT 4 ? ? "C4'" A DT 4 ? ? 1.573 1.512 0.061  0.007 N 
26 1 "C2'" A DT 4 ? ? "C1'" A DT 4 ? ? 1.386 1.518 -0.132 0.010 N 
27 1 "O4'" A DT 4 ? ? "C4'" A DT 4 ? ? 1.371 1.446 -0.075 0.010 N 
28 1 "O3'" A DT 4 ? ? "C3'" A DT 4 ? ? 1.571 1.435 0.136  0.013 N 
29 1 N1    A DT 4 ? ? C2    A DT 4 ? ? 1.501 1.376 0.125  0.008 N 
30 1 C6    A DT 4 ? ? N1    A DT 4 ? ? 1.324 1.378 -0.054 0.007 N 
31 1 C5    A DT 4 ? ? C7    A DT 4 ? ? 1.564 1.496 0.068  0.006 N 
# 
loop_
_pdbx_validate_rmsd_angle.id 
_pdbx_validate_rmsd_angle.PDB_model_num 
_pdbx_validate_rmsd_angle.auth_atom_id_1 
_pdbx_validate_rmsd_angle.auth_asym_id_1 
_pdbx_validate_rmsd_angle.auth_comp_id_1 
_pdbx_validate_rmsd_angle.auth_seq_id_1 
_pdbx_validate_rmsd_angle.PDB_ins_code_1 
_pdbx_validate_rmsd_angle.label_alt_id_1 
_pdbx_validate_rmsd_angle.auth_atom_id_2 
_pdbx_validate_rmsd_angle.auth_asym_id_2 
_pdbx_validate_rmsd_angle.auth_comp_id_2 
_pdbx_validate_rmsd_angle.auth_seq_id_2 
_pdbx_validate_rmsd_angle.PDB_ins_code_2 
_pdbx_validate_rmsd_angle.label_alt_id_2 
_pdbx_validate_rmsd_angle.auth_atom_id_3 
_pdbx_validate_rmsd_angle.auth_asym_id_3 
_pdbx_validate_rmsd_angle.auth_comp_id_3 
_pdbx_validate_rmsd_angle.auth_seq_id_3 
_pdbx_validate_rmsd_angle.PDB_ins_code_3 
_pdbx_validate_rmsd_angle.label_alt_id_3 
_pdbx_validate_rmsd_angle.angle_value 
_pdbx_validate_rmsd_angle.angle_target_value 
_pdbx_validate_rmsd_angle.angle_deviation 
_pdbx_validate_rmsd_angle.angle_standard_deviation 
_pdbx_validate_rmsd_angle.linker_flag 
1  1 "O4'" A DA 1 ? ? "C1'" A DA 1 ? ? N9    A DA 1 ? ? 102.67 108.00 -5.33  0.70 N 
2  1 N1    A DA 1 ? ? C2    A DA 1 ? ? N3    A DA 1 ? ? 124.84 129.30 -4.46  0.50 N 
3  1 N3    A DA 1 ? ? C4    A DA 1 ? ? C5    A DA 1 ? ? 137.92 126.80 11.12  0.70 N 
4  1 C4    A DA 1 ? ? C5    A DA 1 ? ? C6    A DA 1 ? ? 110.71 117.00 -6.29  0.50 N 
5  1 C4    A DA 1 ? ? C5    A DA 1 ? ? N7    A DA 1 ? ? 118.36 110.70 7.66   0.50 N 
6  1 N7    A DA 1 ? ? C8    A DA 1 ? ? N9    A DA 1 ? ? 109.96 113.80 -3.84  0.50 N 
7  1 N9    A DA 1 ? ? C4    A DA 1 ? ? C5    A DA 1 ? ? 101.82 105.80 -3.98  0.40 N 
8  1 N3    A DA 1 ? ? C4    A DA 1 ? ? N9    A DA 1 ? ? 120.19 127.40 -7.21  0.80 N 
9  1 "O5'" A DT 2 ? ? "C5'" A DT 2 ? ? "C4'" A DT 2 ? ? 101.04 109.40 -8.36  0.80 N 
10 1 "O4'" A DT 2 ? ? "C4'" A DT 2 ? ? "C3'" A DT 2 ? ? 114.35 106.00 8.35   0.60 N 
11 1 C2    A DT 2 ? ? N3    A DT 2 ? ? C4    A DT 2 ? ? 121.16 127.20 -6.04  0.60 N 
12 1 N3    A DT 2 ? ? C4    A DT 2 ? ? O4    A DT 2 ? ? 104.86 119.90 -15.04 0.60 N 
13 1 C5    A DT 2 ? ? C4    A DT 2 ? ? O4    A DT 2 ? ? 138.17 124.90 13.27  0.70 N 
14 1 "C1'" A DA 3 ? ? "O4'" A DA 3 ? ? "C4'" A DA 3 ? ? 117.52 110.30 7.22   0.70 N 
15 1 "C4'" A DA 3 ? ? "C3'" A DA 3 ? ? "C2'" A DA 3 ? ? 97.91  102.20 -4.29  0.70 N 
16 1 "O4'" A DA 3 ? ? "C1'" A DA 3 ? ? "C2'" A DA 3 ? ? 99.15  105.90 -6.75  0.80 N 
17 1 N1    A DA 3 ? ? C2    A DA 3 ? ? N3    A DA 3 ? ? 125.46 129.30 -3.84  0.50 N 
18 1 C2    A DA 3 ? ? N3    A DA 3 ? ? C4    A DA 3 ? ? 116.16 110.60 5.56   0.50 N 
19 1 C4    A DA 3 ? ? C5    A DA 3 ? ? C6    A DA 3 ? ? 111.10 117.00 -5.90  0.50 N 
20 1 C4    A DA 3 ? ? C5    A DA 3 ? ? N7    A DA 3 ? ? 115.78 110.70 5.08   0.50 N 
21 1 C5    A DA 3 ? ? N7    A DA 3 ? ? C8    A DA 3 ? ? 92.63  103.90 -11.27 0.50 N 
22 1 N7    A DA 3 ? ? C8    A DA 3 ? ? N9    A DA 3 ? ? 123.85 113.80 10.05  0.50 N 
23 1 N9    A DA 3 ? ? C4    A DA 3 ? ? C5    A DA 3 ? ? 100.88 105.80 -4.92  0.40 N 
24 1 N1    A DA 3 ? ? C6    A DA 3 ? ? N6    A DA 3 ? ? 125.98 118.60 7.38   0.60 N 
25 1 C5    A DA 3 ? ? C6    A DA 3 ? ? N6    A DA 3 ? ? 114.92 123.70 -8.78  0.80 N 
26 1 "O4'" A DT 4 ? ? "C4'" A DT 4 ? ? "C3'" A DT 4 ? ? 112.71 106.00 6.71   0.60 N 
27 1 "C1'" A DT 4 ? ? "O4'" A DT 4 ? ? "C4'" A DT 4 ? ? 102.36 110.10 -7.74  1.00 N 
28 1 "O4'" A DT 4 ? ? "C1'" A DT 4 ? ? "C2'" A DT 4 ? ? 114.16 106.80 7.36   0.50 N 
29 1 "O4'" A DT 4 ? ? "C1'" A DT 4 ? ? N1    A DT 4 ? ? 98.13  108.00 -9.87  0.70 N 
30 1 N1    A DT 4 ? ? C2    A DT 4 ? ? O2    A DT 4 ? ? 118.25 123.10 -4.85  0.80 N 
31 1 N3    A DT 4 ? ? C2    A DT 4 ? ? O2    A DT 4 ? ? 129.00 122.30 6.70   0.60 N 
32 1 N3    A DT 4 ? ? C4    A DT 4 ? ? O4    A DT 4 ? ? 113.51 119.90 -6.39  0.60 N 
33 1 C5    A DT 4 ? ? C4    A DT 4 ? ? O4    A DT 4 ? ? 132.58 124.90 7.68   0.70 N 
# 
loop_
_pdbx_validate_planes.id 
_pdbx_validate_planes.PDB_model_num 
_pdbx_validate_planes.auth_comp_id 
_pdbx_validate_planes.auth_asym_id 
_pdbx_validate_planes.auth_seq_id 
_pdbx_validate_planes.PDB_ins_code 
_pdbx_validate_planes.label_alt_id 
_pdbx_validate_planes.rmsd 
_pdbx_validate_planes.type 
1 1 DT A 2 ? ? 0.079 'SIDE CHAIN' 
2 1 DA A 3 ? ? 0.073 'SIDE CHAIN' 
# 
loop_
_refine_B_iso.class 
_refine_B_iso.details 
_refine_B_iso.treatment 
_refine_B_iso.pdbx_refine_id 
'ALL ATOMS'   TR isotropic   'X-RAY DIFFRACTION' 
'ALL P-ATOMS' TR anisotropic 'X-RAY DIFFRACTION' 
'ALL WATERS'  TR isotropic   'X-RAY DIFFRACTION' 
# 
loop_
_refine_occupancy.class 
_refine_occupancy.treatment 
_refine_occupancy.pdbx_refine_id 
'ALL ATOMS'   fix 'X-RAY DIFFRACTION' 
'ALL P-ATOMS' fix 'X-RAY DIFFRACTION' 
'ALL WATERS'  ref 'X-RAY DIFFRACTION' 
# 
loop_
_chem_comp_atom.comp_id 
_chem_comp_atom.atom_id 
_chem_comp_atom.type_symbol 
_chem_comp_atom.pdbx_aromatic_flag 
_chem_comp_atom.pdbx_stereo_config 
_chem_comp_atom.pdbx_ordinal 
DA  OP3    O N N 1  
DA  P      P N N 2  
DA  OP1    O N N 3  
DA  OP2    O N N 4  
DA  "O5'"  O N N 5  
DA  "C5'"  C N N 6  
DA  "C4'"  C N R 7  
DA  "O4'"  O N N 8  
DA  "C3'"  C N S 9  
DA  "O3'"  O N N 10 
DA  "C2'"  C N N 11 
DA  "C1'"  C N R 12 
DA  N9     N Y N 13 
DA  C8     C Y N 14 
DA  N7     N Y N 15 
DA  C5     C Y N 16 
DA  C6     C Y N 17 
DA  N6     N N N 18 
DA  N1     N Y N 19 
DA  C2     C Y N 20 
DA  N3     N Y N 21 
DA  C4     C Y N 22 
DA  HOP3   H N N 23 
DA  HOP2   H N N 24 
DA  "H5'"  H N N 25 
DA  "H5''" H N N 26 
DA  "H4'"  H N N 27 
DA  "H3'"  H N N 28 
DA  "HO3'" H N N 29 
DA  "H2'"  H N N 30 
DA  "H2''" H N N 31 
DA  "H1'"  H N N 32 
DA  H8     H N N 33 
DA  H61    H N N 34 
DA  H62    H N N 35 
DA  H2     H N N 36 
DT  OP3    O N N 37 
DT  P      P N N 38 
DT  OP1    O N N 39 
DT  OP2    O N N 40 
DT  "O5'"  O N N 41 
DT  "C5'"  C N N 42 
DT  "C4'"  C N R 43 
DT  "O4'"  O N N 44 
DT  "C3'"  C N S 45 
DT  "O3'"  O N N 46 
DT  "C2'"  C N N 47 
DT  "C1'"  C N R 48 
DT  N1     N N N 49 
DT  C2     C N N 50 
DT  O2     O N N 51 
DT  N3     N N N 52 
DT  C4     C N N 53 
DT  O4     O N N 54 
DT  C5     C N N 55 
DT  C7     C N N 56 
DT  C6     C N N 57 
DT  HOP3   H N N 58 
DT  HOP2   H N N 59 
DT  "H5'"  H N N 60 
DT  "H5''" H N N 61 
DT  "H4'"  H N N 62 
DT  "H3'"  H N N 63 
DT  "HO3'" H N N 64 
DT  "H2'"  H N N 65 
DT  "H2''" H N N 66 
DT  "H1'"  H N N 67 
DT  H3     H N N 68 
DT  H71    H N N 69 
DT  H72    H N N 70 
DT  H73    H N N 71 
DT  H6     H N N 72 
HOH O      O N N 73 
HOH H1     H N N 74 
HOH H2     H N N 75 
# 
loop_
_chem_comp_bond.comp_id 
_chem_comp_bond.atom_id_1 
_chem_comp_bond.atom_id_2 
_chem_comp_bond.value_order 
_chem_comp_bond.pdbx_aromatic_flag 
_chem_comp_bond.pdbx_stereo_config 
_chem_comp_bond.pdbx_ordinal 
DA  OP3   P      sing N N 1  
DA  OP3   HOP3   sing N N 2  
DA  P     OP1    doub N N 3  
DA  P     OP2    sing N N 4  
DA  P     "O5'"  sing N N 5  
DA  OP2   HOP2   sing N N 6  
DA  "O5'" "C5'"  sing N N 7  
DA  "C5'" "C4'"  sing N N 8  
DA  "C5'" "H5'"  sing N N 9  
DA  "C5'" "H5''" sing N N 10 
DA  "C4'" "O4'"  sing N N 11 
DA  "C4'" "C3'"  sing N N 12 
DA  "C4'" "H4'"  sing N N 13 
DA  "O4'" "C1'"  sing N N 14 
DA  "C3'" "O3'"  sing N N 15 
DA  "C3'" "C2'"  sing N N 16 
DA  "C3'" "H3'"  sing N N 17 
DA  "O3'" "HO3'" sing N N 18 
DA  "C2'" "C1'"  sing N N 19 
DA  "C2'" "H2'"  sing N N 20 
DA  "C2'" "H2''" sing N N 21 
DA  "C1'" N9     sing N N 22 
DA  "C1'" "H1'"  sing N N 23 
DA  N9    C8     sing Y N 24 
DA  N9    C4     sing Y N 25 
DA  C8    N7     doub Y N 26 
DA  C8    H8     sing N N 27 
DA  N7    C5     sing Y N 28 
DA  C5    C6     sing Y N 29 
DA  C5    C4     doub Y N 30 
DA  C6    N6     sing N N 31 
DA  C6    N1     doub Y N 32 
DA  N6    H61    sing N N 33 
DA  N6    H62    sing N N 34 
DA  N1    C2     sing Y N 35 
DA  C2    N3     doub Y N 36 
DA  C2    H2     sing N N 37 
DA  N3    C4     sing Y N 38 
DT  OP3   P      sing N N 39 
DT  OP3   HOP3   sing N N 40 
DT  P     OP1    doub N N 41 
DT  P     OP2    sing N N 42 
DT  P     "O5'"  sing N N 43 
DT  OP2   HOP2   sing N N 44 
DT  "O5'" "C5'"  sing N N 45 
DT  "C5'" "C4'"  sing N N 46 
DT  "C5'" "H5'"  sing N N 47 
DT  "C5'" "H5''" sing N N 48 
DT  "C4'" "O4'"  sing N N 49 
DT  "C4'" "C3'"  sing N N 50 
DT  "C4'" "H4'"  sing N N 51 
DT  "O4'" "C1'"  sing N N 52 
DT  "C3'" "O3'"  sing N N 53 
DT  "C3'" "C2'"  sing N N 54 
DT  "C3'" "H3'"  sing N N 55 
DT  "O3'" "HO3'" sing N N 56 
DT  "C2'" "C1'"  sing N N 57 
DT  "C2'" "H2'"  sing N N 58 
DT  "C2'" "H2''" sing N N 59 
DT  "C1'" N1     sing N N 60 
DT  "C1'" "H1'"  sing N N 61 
DT  N1    C2     sing N N 62 
DT  N1    C6     sing N N 63 
DT  C2    O2     doub N N 64 
DT  C2    N3     sing N N 65 
DT  N3    C4     sing N N 66 
DT  N3    H3     sing N N 67 
DT  C4    O4     doub N N 68 
DT  C4    C5     sing N N 69 
DT  C5    C7     sing N N 70 
DT  C5    C6     doub N N 71 
DT  C7    H71    sing N N 72 
DT  C7    H72    sing N N 73 
DT  C7    H73    sing N N 74 
DT  C6    H6     sing N N 75 
HOH O     H1     sing N N 76 
HOH O     H2     sing N N 77 
# 
loop_
_ndb_struct_na_base_pair.model_number 
_ndb_struct_na_base_pair.i_label_asym_id 
_ndb_struct_na_base_pair.i_label_comp_id 
_ndb_struct_na_base_pair.i_label_seq_id 
_ndb_struct_na_base_pair.i_symmetry 
_ndb_struct_na_base_pair.j_label_asym_id 
_ndb_struct_na_base_pair.j_label_comp_id 
_ndb_struct_na_base_pair.j_label_seq_id 
_ndb_struct_na_base_pair.j_symmetry 
_ndb_struct_na_base_pair.shear 
_ndb_struct_na_base_pair.stretch 
_ndb_struct_na_base_pair.stagger 
_ndb_struct_na_base_pair.buckle 
_ndb_struct_na_base_pair.propeller 
_ndb_struct_na_base_pair.opening 
_ndb_struct_na_base_pair.pair_number 
_ndb_struct_na_base_pair.pair_name 
_ndb_struct_na_base_pair.i_auth_asym_id 
_ndb_struct_na_base_pair.i_auth_seq_id 
_ndb_struct_na_base_pair.i_PDB_ins_code 
_ndb_struct_na_base_pair.j_auth_asym_id 
_ndb_struct_na_base_pair.j_auth_seq_id 
_ndb_struct_na_base_pair.j_PDB_ins_code 
_ndb_struct_na_base_pair.hbond_type_28 
_ndb_struct_na_base_pair.hbond_type_12 
1 A DA 1 1_555 A DT 4 2_645 -0.137 -0.103 -0.277 -13.392 -1.321 3.913 1 A_DA1:DT4_A A 1 ? A 4 ? 20 1 
1 A DT 2 1_555 A DA 3 2_645 0.214  -0.033 -0.474 14.444  -0.111 5.799 2 A_DT2:DA3_A A 2 ? A 3 ? 20 1 
# 
_ndb_struct_na_base_pair_step.model_number        1 
_ndb_struct_na_base_pair_step.i_label_asym_id_1   A 
_ndb_struct_na_base_pair_step.i_label_comp_id_1   DA 
_ndb_struct_na_base_pair_step.i_label_seq_id_1    1 
_ndb_struct_na_base_pair_step.i_symmetry_1        1_555 
_ndb_struct_na_base_pair_step.j_label_asym_id_1   A 
_ndb_struct_na_base_pair_step.j_label_comp_id_1   DT 
_ndb_struct_na_base_pair_step.j_label_seq_id_1    4 
_ndb_struct_na_base_pair_step.j_symmetry_1        2_645 
_ndb_struct_na_base_pair_step.i_label_asym_id_2   A 
_ndb_struct_na_base_pair_step.i_label_comp_id_2   DT 
_ndb_struct_na_base_pair_step.i_label_seq_id_2    2 
_ndb_struct_na_base_pair_step.i_symmetry_2        1_555 
_ndb_struct_na_base_pair_step.j_label_asym_id_2   A 
_ndb_struct_na_base_pair_step.j_label_comp_id_2   DA 
_ndb_struct_na_base_pair_step.j_label_seq_id_2    3 
_ndb_struct_na_base_pair_step.j_symmetry_2        2_645 
_ndb_struct_na_base_pair_step.shift               0.204 
_ndb_struct_na_base_pair_step.slide               -0.659 
_ndb_struct_na_base_pair_step.rise                2.730 
_ndb_struct_na_base_pair_step.tilt                1.494 
_ndb_struct_na_base_pair_step.roll                5.976 
_ndb_struct_na_base_pair_step.twist               32.948 
_ndb_struct_na_base_pair_step.x_displacement      -1.948 
_ndb_struct_na_base_pair_step.y_displacement      -0.152 
_ndb_struct_na_base_pair_step.helical_rise        2.580 
_ndb_struct_na_base_pair_step.inclination         10.423 
_ndb_struct_na_base_pair_step.tip                 -2.606 
_ndb_struct_na_base_pair_step.helical_twist       33.504 
_ndb_struct_na_base_pair_step.step_number         1 
_ndb_struct_na_base_pair_step.step_name           AA_DA1DT2:DA3DT4_AA 
_ndb_struct_na_base_pair_step.i_auth_asym_id_1    A 
_ndb_struct_na_base_pair_step.i_auth_seq_id_1     1 
_ndb_struct_na_base_pair_step.i_PDB_ins_code_1    ? 
_ndb_struct_na_base_pair_step.j_auth_asym_id_1    A 
_ndb_struct_na_base_pair_step.j_auth_seq_id_1     4 
_ndb_struct_na_base_pair_step.j_PDB_ins_code_1    ? 
_ndb_struct_na_base_pair_step.i_auth_asym_id_2    A 
_ndb_struct_na_base_pair_step.i_auth_seq_id_2     2 
_ndb_struct_na_base_pair_step.i_PDB_ins_code_2    ? 
_ndb_struct_na_base_pair_step.j_auth_asym_id_2    A 
_ndb_struct_na_base_pair_step.j_auth_seq_id_2     3 
_ndb_struct_na_base_pair_step.j_PDB_ins_code_2    ? 
# 
_atom_sites.entry_id                    1VTR 
_atom_sites.fract_transf_matrix[1][1]   0.02195352 
_atom_sites.fract_transf_matrix[1][2]   0.04244264 
_atom_sites.fract_transf_matrix[1][3]   0.00089803 
_atom_sites.fract_transf_matrix[2][1]   -0.02711983 
_atom_sites.fract_transf_matrix[2][2]   0.01326666 
_atom_sites.fract_transf_matrix[2][3]   0.03597138 
_atom_sites.fract_transf_matrix[3][1]   0.08416910 
_atom_sites.fract_transf_matrix[3][2]   -0.02741418 
_atom_sites.fract_transf_matrix[3][3]   0.07356810 
_atom_sites.fract_transf_vector[1]      0.268743 
_atom_sites.fract_transf_vector[2]      0.446003 
_atom_sites.fract_transf_vector[3]      0.258896 
# 
loop_
_atom_type.symbol 
C 
N 
O 
P 
# 
loop_
_atom_site.group_PDB 
_atom_site.id 
_atom_site.type_symbol 
_atom_site.label_atom_id 
_atom_site.label_alt_id 
_atom_site.label_comp_id 
_atom_site.label_asym_id 
_atom_site.label_entity_id 
_atom_site.label_seq_id 
_atom_site.pdbx_PDB_ins_code 
_atom_site.Cartn_x 
_atom_site.Cartn_y 
_atom_site.Cartn_z 
_atom_site.occupancy 
_atom_site.B_iso_or_equiv 
_atom_site.pdbx_formal_charge 
_atom_site.auth_seq_id 
_atom_site.auth_comp_id 
_atom_site.auth_asym_id 
_atom_site.auth_atom_id 
_atom_site.pdbx_PDB_model_num 
ATOM   1   O OP3   . DA  A 1 1 ? 9.459   -6.197  -3.150 1.00 23.53 ? 1  DA  A OP3   1 
ATOM   2   P P     . DA  A 1 1 ? 7.870   -6.721  -3.092 1.00 10.00 ? 1  DA  A P     1 
ATOM   3   O OP1   . DA  A 1 1 ? 7.300   -6.276  -4.338 1.00 10.74 ? 1  DA  A OP1   1 
ATOM   4   O OP2   . DA  A 1 1 ? 7.782   -8.134  -2.858 1.00 15.08 ? 1  DA  A OP2   1 
ATOM   5   O "O5'" . DA  A 1 1 ? 7.222   -5.881  -1.957 1.00 4.49  ? 1  DA  A "O5'" 1 
ATOM   6   C "C5'" . DA  A 1 1 ? 7.376   -6.167  -0.585 1.00 4.12  ? 1  DA  A "C5'" 1 
ATOM   7   C "C4'" . DA  A 1 1 ? 6.822   -5.118  0.272  1.00 2.83  ? 1  DA  A "C4'" 1 
ATOM   8   O "O4'" . DA  A 1 1 ? 7.844   -4.011  0.125  1.00 6.47  ? 1  DA  A "O4'" 1 
ATOM   9   C "C3'" . DA  A 1 1 ? 5.580   -4.543  -0.078 1.00 3.55  ? 1  DA  A "C3'" 1 
ATOM   10  O "O3'" . DA  A 1 1 ? 4.558   -5.289  0.527  1.00 5.53  ? 1  DA  A "O3'" 1 
ATOM   11  C "C2'" . DA  A 1 1 ? 5.675   -3.060  0.323  1.00 4.90  ? 1  DA  A "C2'" 1 
ATOM   12  C "C1'" . DA  A 1 1 ? 7.150   -2.660  0.093  1.00 3.71  ? 1  DA  A "C1'" 1 
ATOM   13  N N9    . DA  A 1 1 ? 7.531   -2.136  -1.211 1.00 4.81  ? 1  DA  A N9    1 
ATOM   14  C C8    . DA  A 1 1 ? 8.247   -2.672  -2.268 1.00 3.17  ? 1  DA  A C8    1 
ATOM   15  N N7    . DA  A 1 1 ? 8.383   -1.802  -3.186 1.00 4.74  ? 1  DA  A N7    1 
ATOM   16  C C5    . DA  A 1 1 ? 7.852   -0.741  -2.742 1.00 3.49  ? 1  DA  A C5    1 
ATOM   17  C C6    . DA  A 1 1 ? 7.628   0.591   -3.412 1.00 3.02  ? 1  DA  A C6    1 
ATOM   18  N N6    . DA  A 1 1 ? 8.129   0.894   -4.507 1.00 7.51  ? 1  DA  A N6    1 
ATOM   19  N N1    . DA  A 1 1 ? 6.938   1.519   -2.710 1.00 4.27  ? 1  DA  A N1    1 
ATOM   20  C C2    . DA  A 1 1 ? 6.464   1.238   -1.485 1.00 5.28  ? 1  DA  A C2    1 
ATOM   21  N N3    . DA  A 1 1 ? 6.480   -0.005  -0.903 1.00 5.53  ? 1  DA  A N3    1 
ATOM   22  C C4    . DA  A 1 1 ? 7.253   -0.790  -1.637 1.00 2.45  ? 1  DA  A C4    1 
ATOM   23  P P     . DT  A 1 2 ? 3.143   -5.494  -0.098 1.00 10.00 ? 2  DT  A P     1 
ATOM   24  O OP1   . DT  A 1 2 ? 2.518   -6.484  0.844  1.00 8.83  ? 2  DT  A OP1   1 
ATOM   25  O OP2   . DT  A 1 2 ? 3.227   -5.880  -1.510 1.00 5.12  ? 2  DT  A OP2   1 
ATOM   26  O "O5'" . DT  A 1 2 ? 2.454   -4.068  -0.096 1.00 3.80  ? 2  DT  A "O5'" 1 
ATOM   27  C "C5'" . DT  A 1 2 ? 2.130   -3.418  1.241  1.00 7.67  ? 2  DT  A "C5'" 1 
ATOM   28  C "C4'" . DT  A 1 2 ? 1.575   -1.954  0.752  1.00 3.39  ? 2  DT  A "C4'" 1 
ATOM   29  O "O4'" . DT  A 1 2 ? 2.617   -1.334  0.046  1.00 4.18  ? 2  DT  A "O4'" 1 
ATOM   30  C "C3'" . DT  A 1 2 ? 0.388   -2.016  0.070  1.00 3.96  ? 2  DT  A "C3'" 1 
ATOM   31  O "O3'" . DT  A 1 2 ? -0.483  -1.011  0.560  1.00 3.71  ? 2  DT  A "O3'" 1 
ATOM   32  C "C2'" . DT  A 1 2 ? 0.894   -1.721  -1.351 1.00 7.67  ? 2  DT  A "C2'" 1 
ATOM   33  C "C1'" . DT  A 1 2 ? 1.970   -0.874  -1.240 1.00 3.86  ? 2  DT  A "C1'" 1 
ATOM   34  N N1    . DT  A 1 2 ? 2.996   -0.886  -2.211 1.00 3.71  ? 2  DT  A N1    1 
ATOM   35  C C2    . DT  A 1 2 ? 3.390   0.296   -2.805 1.00 4.43  ? 2  DT  A C2    1 
ATOM   36  O O2    . DT  A 1 2 ? 2.870   1.365   -2.480 1.00 5.59  ? 2  DT  A O2    1 
ATOM   37  N N3    . DT  A 1 2 ? 4.251   0.203   -3.847 1.00 4.02  ? 2  DT  A N3    1 
ATOM   38  C C4    . DT  A 1 2 ? 4.740   -1.097  -4.313 1.00 5.28  ? 2  DT  A C4    1 
ATOM   39  O O4    . DT  A 1 2 ? 5.413   -0.836  -5.369 1.00 5.22  ? 2  DT  A O4    1 
ATOM   40  C C5    . DT  A 1 2 ? 4.395   -2.154  -3.605 1.00 4.90  ? 2  DT  A C5    1 
ATOM   41  C C7    . DT  A 1 2 ? 4.929   -3.484  -4.059 1.00 4.74  ? 2  DT  A C7    1 
ATOM   42  C C6    . DT  A 1 2 ? 3.557   -2.068  -2.626 1.00 2.04  ? 2  DT  A C6    1 
ATOM   43  P P     . DA  A 1 3 ? -2.019  -1.050  0.454  1.00 10.00 ? 3  DA  A P     1 
ATOM   44  O OP1   . DA  A 1 3 ? -2.521  -2.361  0.930  1.00 5.43  ? 3  DA  A OP1   1 
ATOM   45  O OP2   . DA  A 1 3 ? -2.423  -0.606  -0.739 1.00 8.77  ? 3  DA  A OP2   1 
ATOM   46  O "O5'" . DA  A 1 3 ? -2.403  0.091   1.396  1.00 4.43  ? 3  DA  A "O5'" 1 
ATOM   47  C "C5'" . DA  A 1 3 ? -2.269  -0.140  2.901  1.00 4.74  ? 3  DA  A "C5'" 1 
ATOM   48  C "C4'" . DA  A 1 3 ? -2.886  1.102   3.567  1.00 4.34  ? 3  DA  A "C4'" 1 
ATOM   49  O "O4'" . DA  A 1 3 ? -2.119  2.180   3.450  1.00 4.59  ? 3  DA  A "O4'" 1 
ATOM   50  C "C3'" . DA  A 1 3 ? -4.313  1.552   3.078  1.00 2.04  ? 3  DA  A "C3'" 1 
ATOM   51  O "O3'" . DA  A 1 3 ? -5.289  0.725   3.727  1.00 5.28  ? 3  DA  A "O3'" 1 
ATOM   52  C "C2'" . DA  A 1 3 ? -4.225  2.998   3.487  1.00 6.31  ? 3  DA  A "C2'" 1 
ATOM   53  C "C1'" . DA  A 1 3 ? -2.776  3.463   3.382  1.00 3.39  ? 3  DA  A "C1'" 1 
ATOM   54  N N9    . DA  A 1 3 ? -2.535  4.066   2.105  1.00 5.12  ? 3  DA  A N9    1 
ATOM   55  C C8    . DA  A 1 3 ? -1.736  3.755   1.163  1.00 4.02  ? 3  DA  A C8    1 
ATOM   56  N N7    . DA  A 1 3 ? -1.515  4.475   0.177  1.00 3.64  ? 3  DA  A N7    1 
ATOM   57  C C5    . DA  A 1 3 ? -2.297  5.507   0.676  1.00 5.28  ? 3  DA  A C5    1 
ATOM   58  C C6    . DA  A 1 3 ? -2.428  7.060   0.246  1.00 5.37  ? 3  DA  A C6    1 
ATOM   59  N N6    . DA  A 1 3 ? -1.864  7.379   -1.005 1.00 6.88  ? 3  DA  A N6    1 
ATOM   60  N N1    . DA  A 1 3 ? -3.292  7.855   0.973  1.00 2.83  ? 3  DA  A N1    1 
ATOM   61  C C2    . DA  A 1 3 ? -3.843  7.399   2.052  1.00 3.24  ? 3  DA  A C2    1 
ATOM   62  N N3    . DA  A 1 3 ? -3.619  6.107   2.614  1.00 5.37  ? 3  DA  A N3    1 
ATOM   63  C C4    . DA  A 1 3 ? -2.862  5.286   1.905  1.00 4.59  ? 3  DA  A C4    1 
ATOM   64  P P     . DT  A 1 4 ? -6.618  0.323   3.065  1.00 10.00 ? 4  DT  A P     1 
ATOM   65  O OP1   . DT  A 1 4 ? -7.210  -0.654  3.974  1.00 10.02 ? 4  DT  A OP1   1 
ATOM   66  O OP2   . DT  A 1 4 ? -6.460  0.048   1.578  1.00 7.98  ? 4  DT  A OP2   1 
ATOM   67  O "O5'" . DT  A 1 4 ? -7.428  1.630   3.154  1.00 6.41  ? 4  DT  A "O5'" 1 
ATOM   68  C "C5'" . DT  A 1 4 ? -7.707  2.211   4.383  1.00 6.72  ? 4  DT  A "C5'" 1 
ATOM   69  C "C4'" . DT  A 1 4 ? -8.315  3.654   4.228  1.00 5.12  ? 4  DT  A "C4'" 1 
ATOM   70  O "O4'" . DT  A 1 4 ? -7.490  4.538   3.582  1.00 6.72  ? 4  DT  A "O4'" 1 
ATOM   71  C "C3'" . DT  A 1 4 ? -9.653  3.454   3.503  1.00 7.89  ? 4  DT  A "C3'" 1 
ATOM   72  O "O3'" . DT  A 1 4 ? -10.733 4.382   4.165  1.00 9.64  ? 4  DT  A "O3'" 1 
ATOM   73  C "C2'" . DT  A 1 4 ? -9.285  4.065   2.105  1.00 3.71  ? 4  DT  A "C2'" 1 
ATOM   74  C "C1'" . DT  A 1 4 ? -8.307  4.973   2.480  1.00 5.59  ? 4  DT  A "C1'" 1 
ATOM   75  N N1    . DT  A 1 4 ? -7.195  5.108   1.424  1.00 5.22  ? 4  DT  A N1    1 
ATOM   76  C C2    . DT  A 1 4 ? -6.976  6.466   0.822  1.00 3.96  ? 4  DT  A C2    1 
ATOM   77  O O2    . DT  A 1 4 ? -7.599  7.417   1.289  1.00 5.28  ? 4  DT  A O2    1 
ATOM   78  N N3    . DT  A 1 4 ? -6.117  6.444   -0.200 1.00 4.27  ? 4  DT  A N3    1 
ATOM   79  C C4    . DT  A 1 4 ? -5.447  5.394   -0.750 1.00 3.39  ? 4  DT  A C4    1 
ATOM   80  O O4    . DT  A 1 4 ? -4.719  5.707   -1.639 1.00 6.31  ? 4  DT  A O4    1 
ATOM   81  C C5    . DT  A 1 4 ? -5.715  4.141   -0.115 1.00 3.55  ? 4  DT  A C5    1 
ATOM   82  C C7    . DT  A 1 4 ? -4.938  2.899   -0.663 1.00 5.43  ? 4  DT  A C7    1 
ATOM   83  C C6    . DT  A 1 4 ? -6.624  4.063   0.846  1.00 2.61  ? 4  DT  A C6    1 
HETATM 84  O O     . HOH B 2 . ? 1.561   -4.901  -3.457 0.97 11.84 ? 5  HOH A O     1 
HETATM 85  O O     . HOH B 2 . ? -2.671  -2.171  5.576  1.00 11.84 ? 6  HOH A O     1 
HETATM 86  O O     . HOH B 2 . ? -0.787  -6.447  0.957  0.65 11.84 ? 7  HOH A O     1 
HETATM 87  O O     . HOH B 2 . ? -3.199  -6.214  3.924  0.58 11.84 ? 8  HOH A O     1 
HETATM 88  O O     . HOH B 2 . ? 0.782   1.627   1.085  0.37 11.84 ? 9  HOH A O     1 
HETATM 89  O O     . HOH B 2 . ? -5.260  -0.535  -0.974 0.77 11.84 ? 10 HOH A O     1 
HETATM 90  O O     . HOH B 2 . ? -5.025  5.909   5.128  0.56 11.84 ? 11 HOH A O     1 
HETATM 91  O O     . HOH B 2 . ? -1.107  -4.301  2.667  0.47 11.84 ? 12 HOH A O     1 
HETATM 92  O O     . HOH B 2 . ? -0.979  1.406   -1.932 0.76 11.84 ? 13 HOH A O     1 
HETATM 93  O O     . HOH B 2 . ? -1.855  -3.916  3.343  0.43 11.84 ? 14 HOH A O     1 
HETATM 94  O O     . HOH B 2 . ? 2.044   1.256   1.661  0.62 11.84 ? 15 HOH A O     1 
HETATM 95  O O     . HOH B 2 . ? 2.635   6.107   -0.315 0.38 11.84 ? 16 HOH A O     1 
HETATM 96  O O     . HOH B 2 . ? -5.505  -1.672  5.999  0.49 11.84 ? 17 HOH A O     1 
HETATM 97  O O     . HOH B 2 . ? -5.373  -1.652  -0.323 0.41 11.84 ? 18 HOH A O     1 
HETATM 98  O O     . HOH B 2 . ? -1.026  3.414   -3.800 0.69 11.84 ? 19 HOH A O     1 
HETATM 99  O O     . HOH B 2 . ? 0.173   3.293   -3.997 0.42 11.84 ? 20 HOH A O     1 
HETATM 100 O O     . HOH B 2 . ? 10.971  -8.931  -2.626 0.61 11.84 ? 21 HOH A O     1 
HETATM 101 O O     . HOH B 2 . ? -4.533  -2.265  4.824  0.35 11.84 ? 22 HOH A O     1 
HETATM 102 O O     . HOH B 2 . ? -7.037  -2.578  1.050  0.54 11.84 ? 23 HOH A O     1 
HETATM 103 O O     . HOH B 2 . ? 0.828   8.482   -4.542 0.49 11.84 ? 24 HOH A O     1 
HETATM 104 O O     . HOH B 2 . ? 2.801   -6.482  3.471  0.64 11.84 ? 25 HOH A O     1 
HETATM 105 O O     . HOH B 2 . ? -9.265  -2.205  4.383  0.61 11.84 ? 26 HOH A O     1 
HETATM 106 O O     . HOH B 2 . ? 5.630   -2.574  -7.711 0.44 11.84 ? 27 HOH A O     1 
HETATM 107 O O     . HOH B 2 . ? 1.031   3.154   -0.908 0.49 11.84 ? 28 HOH A O     1 
HETATM 108 O O     . HOH B 2 . ? 2.625   -6.368  -5.908 0.37 11.84 ? 29 HOH A O     1 
HETATM 109 O O     . HOH B 2 . ? -2.701  7.700   -5.393 0.29 11.84 ? 30 HOH A O     1 
HETATM 110 O O     . HOH B 2 . ? 3.224   3.561   -1.179 0.31 11.84 ? 31 HOH A O     1 
HETATM 111 O O     . HOH B 2 . ? 2.879   3.095   0.315  0.30 11.84 ? 32 HOH A O     1 
HETATM 112 O O     . HOH B 2 . ? 0.761   4.408   -1.511 0.39 11.84 ? 33 HOH A O     1 
HETATM 113 O O     . HOH B 2 . ? 0.310   -6.054  2.648  0.37 11.84 ? 34 HOH A O     1 
HETATM 114 O O     . HOH B 2 . ? 9.547   -2.619  -5.505 0.34 11.84 ? 35 HOH A O     1 
HETATM 115 O O     . HOH B 2 . ? -3.385  6.481   7.340  0.32 11.84 ? 36 HOH A O     1 
HETATM 116 O O     . HOH B 2 . ? 7.579   -10.339 -1.484 0.23 11.84 ? 37 HOH A O     1 
HETATM 117 O O     . HOH B 2 . ? 0.740   5.967   -1.385 0.30 11.84 ? 38 HOH A O     1 
HETATM 118 O O     . HOH B 2 . ? 13.811  -5.174  -0.925 0.57 11.84 ? 39 HOH A O     1 
HETATM 119 O O     . HOH B 2 . ? -1.829  1.980   -2.124 0.36 11.84 ? 40 HOH A O     1 
HETATM 120 O O     . HOH B 2 . ? -6.617  -3.392  3.681  0.28 11.84 ? 41 HOH A O     1 
HETATM 121 O O     . HOH B 2 . ? -0.961  6.011   -3.542 0.37 11.84 ? 42 HOH A O     1 
HETATM 122 O O     . HOH B 2 . ? -4.949  -3.236  2.095  0.46 11.84 ? 43 HOH A O     1 
HETATM 123 O O     . HOH B 2 . ? -4.587  -3.421  3.691  0.28 11.84 ? 44 HOH A O     1 
HETATM 124 O O     . HOH B 2 . ? 5.508   -7.183  -5.686 0.33 11.84 ? 45 HOH A O     1 
HETATM 125 O O     . HOH B 2 . ? -9.534  -1.449  -1.500 0.37 11.84 ? 46 HOH A O     1 
# 
loop_
_atom_site_anisotrop.id 
_atom_site_anisotrop.type_symbol 
_atom_site_anisotrop.pdbx_label_atom_id 
_atom_site_anisotrop.pdbx_label_alt_id 
_atom_site_anisotrop.pdbx_label_comp_id 
_atom_site_anisotrop.pdbx_label_asym_id 
_atom_site_anisotrop.pdbx_label_seq_id 
_atom_site_anisotrop.pdbx_PDB_ins_code 
_atom_site_anisotrop.U[1][1] 
_atom_site_anisotrop.U[2][2] 
_atom_site_anisotrop.U[3][3] 
_atom_site_anisotrop.U[1][2] 
_atom_site_anisotrop.U[1][3] 
_atom_site_anisotrop.U[2][3] 
_atom_site_anisotrop.pdbx_auth_seq_id 
_atom_site_anisotrop.pdbx_auth_comp_id 
_atom_site_anisotrop.pdbx_auth_asym_id 
_atom_site_anisotrop.pdbx_auth_atom_id 
2  P P . DA A 1 ? 1.1674 0.9842 0.6784 0.1881 0.1183  0.1390 1 DA A P 
23 P P . DT A 2 ? 0.7861 0.3418 0.8521 0.1454 -0.1152 0.1298 2 DT A P 
43 P P . DA A 3 ? 0.5928 0.9085 0.5488 0.0842 0.0201  0.0071 3 DA A P 
64 P P . DT A 4 ? 0.8588 0.5932 1.6980 0.1732 0.3813  0.6328 4 DT A P 
# 
